data_4NX4
#
_entry.id   4NX4
#
_cell.length_a   42.187
_cell.length_b   62.777
_cell.length_c   106.286
_cell.angle_alpha   90.00
_cell.angle_beta   90.00
_cell.angle_gamma   90.00
#
_symmetry.space_group_name_H-M   'C 2 2 21'
#
loop_
_entity.id
_entity.type
_entity.pdbx_description
1 polymer 'Gag-Pol polyprotein'
2 non-polymer 'CHLORIDE ION'
3 non-polymer 'ZINC ION'
4 non-polymer 1-(3-chloro-4-methylphenyl)-3-{2-[({5-[(dimethylamino)methyl]-2-furyl}methyl)thio]ethyl}urea
5 water water
#
_entity_poly.entity_id   1
_entity_poly.type   'polypeptide(L)'
_entity_poly.pdbx_seq_one_letter_code
;PIVQNLQGQMVHQAISPRTLNAWVKVVEEKAFSPEVIPMFSALSEGATPQDLNTMLNTVGGHQAAMQMLKETINEEAAEW
DRLHPVHAGPIAPGQMREPRGSDIAGTTSTLQEQIGWMTHNPPIPVGEIYKRWIILGLNKIVRMYS
;
_entity_poly.pdbx_strand_id   C
#
# COMPACT_ATOMS: atom_id res chain seq x y z
N PRO A 1 7.88 7.24 -3.79
CA PRO A 1 7.02 8.09 -2.96
C PRO A 1 6.84 9.44 -3.61
N ILE A 2 5.91 10.20 -3.07
CA ILE A 2 5.71 11.58 -3.43
C ILE A 2 6.32 12.44 -2.34
N VAL A 3 7.16 13.39 -2.75
CA VAL A 3 7.78 14.36 -1.86
C VAL A 3 7.38 15.77 -2.31
N GLN A 4 7.42 16.72 -1.39
CA GLN A 4 7.02 18.07 -1.73
C GLN A 4 8.27 18.91 -1.73
N ASN A 5 8.53 19.59 -2.86
CA ASN A 5 9.76 20.37 -2.97
C ASN A 5 9.54 21.78 -2.45
N LEU A 6 10.54 22.62 -2.58
CA LEU A 6 10.56 23.89 -1.88
C LEU A 6 9.51 24.87 -2.43
N GLN A 7 9.15 24.69 -3.69
CA GLN A 7 8.10 25.49 -4.30
C GLN A 7 6.69 24.92 -4.08
N GLY A 8 6.58 23.84 -3.32
CA GLY A 8 5.30 23.15 -3.13
C GLY A 8 4.93 22.17 -4.22
N GLN A 9 5.82 21.99 -5.18
CA GLN A 9 5.59 21.01 -6.23
C GLN A 9 5.66 19.60 -5.65
N MET A 10 4.65 18.78 -5.92
CA MET A 10 4.73 17.37 -5.58
C MET A 10 5.52 16.69 -6.66
N VAL A 11 6.51 15.91 -6.23
CA VAL A 11 7.40 15.22 -7.12
C VAL A 11 7.42 13.76 -6.78
N HIS A 12 7.29 12.92 -7.80
CA HIS A 12 7.42 11.51 -7.61
C HIS A 12 8.86 11.02 -7.77
N GLN A 13 9.26 10.16 -6.84
CA GLN A 13 10.53 9.43 -6.92
C GLN A 13 10.29 7.95 -6.78
N ALA A 14 11.07 7.13 -7.48
CA ALA A 14 10.99 5.68 -7.25
C ALA A 14 11.39 5.36 -5.82
N ILE A 15 10.96 4.22 -5.30
CA ILE A 15 11.36 3.82 -3.94
C ILE A 15 12.87 3.64 -3.87
N SER A 16 13.43 4.01 -2.72
CA SER A 16 14.87 3.89 -2.47
C SER A 16 15.25 2.43 -2.23
N PRO A 17 16.32 1.95 -2.86
CA PRO A 17 16.78 0.61 -2.55
C PRO A 17 17.21 0.49 -1.08
N ARG A 18 17.71 1.58 -0.50
CA ARG A 18 18.10 1.53 0.91
C ARG A 18 16.87 1.37 1.81
N THR A 19 15.76 1.99 1.43
CA THR A 19 14.50 1.78 2.12
C THR A 19 14.07 0.32 2.05
N LEU A 20 14.17 -0.29 0.88
CA LEU A 20 13.82 -1.70 0.78
C LEU A 20 14.75 -2.58 1.61
N ASN A 21 16.05 -2.27 1.60
CA ASN A 21 17.00 -3.01 2.37
C ASN A 21 16.68 -2.94 3.85
N ALA A 22 16.37 -1.73 4.31
CA ALA A 22 16.05 -1.53 5.73
C ALA A 22 14.78 -2.29 6.10
N TRP A 23 13.77 -2.22 5.23
CA TRP A 23 12.53 -2.95 5.47
C TRP A 23 12.76 -4.46 5.59
N VAL A 24 13.52 -5.05 4.68
CA VAL A 24 13.80 -6.47 4.73
C VAL A 24 14.51 -6.82 6.04
N LYS A 25 15.47 -5.99 6.43
CA LYS A 25 16.24 -6.26 7.63
C LYS A 25 15.38 -6.13 8.89
N VAL A 26 14.52 -5.13 8.90
CA VAL A 26 13.53 -4.95 9.95
C VAL A 26 12.72 -6.21 10.18
N VAL A 27 12.17 -6.69 9.08
CA VAL A 27 11.27 -7.82 9.09
C VAL A 27 12.01 -9.07 9.52
N GLU A 28 13.28 -9.20 9.15
CA GLU A 28 14.09 -10.33 9.63
C GLU A 28 14.12 -10.37 11.18
N GLU A 29 14.06 -9.21 11.83
CA GLU A 29 14.20 -9.12 13.29
C GLU A 29 12.89 -8.98 14.07
N LYS A 30 11.84 -8.43 13.46
CA LYS A 30 10.66 -7.99 14.22
C LYS A 30 9.34 -8.41 13.56
N ALA A 31 9.45 -9.44 12.71
CA ALA A 31 8.36 -9.93 11.86
C ALA A 31 7.00 -10.04 12.52
N PHE A 32 6.99 -10.62 13.71
CA PHE A 32 5.75 -10.89 14.41
C PHE A 32 5.62 -10.03 15.64
N SER A 33 6.40 -8.94 15.70
CA SER A 33 6.38 -8.06 16.84
C SER A 33 5.60 -6.78 16.54
N PRO A 34 5.02 -6.16 17.56
CA PRO A 34 4.23 -4.95 17.29
C PRO A 34 5.04 -3.83 16.61
N GLU A 35 6.36 -3.80 16.82
CA GLU A 35 7.18 -2.74 16.26
C GLU A 35 7.17 -2.74 14.75
N VAL A 36 6.78 -3.84 14.12
CA VAL A 36 6.84 -3.89 12.67
C VAL A 36 5.91 -2.84 12.05
N ILE A 37 4.84 -2.50 12.76
CA ILE A 37 3.89 -1.55 12.22
C ILE A 37 4.47 -0.12 12.19
N PRO A 38 4.96 0.40 13.32
CA PRO A 38 5.51 1.76 13.20
C PRO A 38 6.75 1.80 12.32
N MET A 39 7.48 0.72 12.22
CA MET A 39 8.62 0.69 11.30
C MET A 39 8.15 0.74 9.85
N PHE A 40 7.10 -0.02 9.53
CA PHE A 40 6.47 0.06 8.20
C PHE A 40 6.07 1.51 7.89
N SER A 41 5.37 2.16 8.82
CA SER A 41 5.00 3.55 8.62
C SER A 41 6.19 4.45 8.43
N ALA A 42 7.23 4.24 9.24
CA ALA A 42 8.44 5.07 9.18
C ALA A 42 9.09 5.01 7.81
N LEU A 43 9.01 3.85 7.17
CA LEU A 43 9.71 3.61 5.91
C LEU A 43 8.82 3.85 4.68
N SER A 44 7.61 4.34 4.89
CA SER A 44 6.64 4.50 3.78
C SER A 44 5.95 5.88 3.74
N GLU A 45 6.60 6.92 4.26
CA GLU A 45 6.07 8.26 4.12
C GLU A 45 5.91 8.63 2.66
N GLY A 46 4.70 9.06 2.29
CA GLY A 46 4.45 9.49 0.92
C GLY A 46 4.39 8.35 -0.07
N ALA A 47 4.36 7.10 0.41
CA ALA A 47 4.42 5.95 -0.50
C ALA A 47 3.17 5.88 -1.37
N THR A 48 3.38 5.52 -2.63
CA THR A 48 2.28 5.17 -3.54
C THR A 48 1.89 3.71 -3.30
N PRO A 49 0.72 3.31 -3.78
CA PRO A 49 0.39 1.87 -3.73
C PRO A 49 1.46 1.02 -4.39
N GLN A 50 2.06 1.50 -5.49
CA GLN A 50 3.09 0.72 -6.15
C GLN A 50 4.30 0.54 -5.22
N ASP A 51 4.69 1.62 -4.54
CA ASP A 51 5.79 1.52 -3.57
C ASP A 51 5.51 0.46 -2.52
N LEU A 52 4.29 0.46 -2.00
CA LEU A 52 3.90 -0.46 -0.94
C LEU A 52 3.97 -1.89 -1.45
N ASN A 53 3.55 -2.12 -2.69
CA ASN A 53 3.61 -3.48 -3.24
C ASN A 53 5.06 -3.91 -3.42
N THR A 54 5.93 -2.98 -3.81
CA THR A 54 7.33 -3.30 -3.94
C THR A 54 7.88 -3.69 -2.57
N MET A 55 7.51 -2.96 -1.53
CA MET A 55 7.94 -3.31 -0.19
C MET A 55 7.44 -4.71 0.20
N LEU A 56 6.17 -4.98 -0.01
CA LEU A 56 5.63 -6.30 0.32
C LEU A 56 6.31 -7.40 -0.49
N ASN A 57 6.58 -7.14 -1.75
CA ASN A 57 7.24 -8.13 -2.59
C ASN A 57 8.59 -8.57 -2.04
N THR A 58 9.27 -7.69 -1.29
CA THR A 58 10.62 -8.02 -0.81
C THR A 58 10.60 -8.89 0.43
N VAL A 59 9.44 -9.02 1.05
CA VAL A 59 9.35 -9.81 2.27
C VAL A 59 8.39 -10.94 2.04
N GLY A 60 8.29 -11.39 0.80
N GLY A 60 8.32 -11.43 0.82
N GLY A 60 8.26 -11.33 0.79
CA GLY A 60 7.41 -12.49 0.48
CA GLY A 60 7.49 -12.57 0.51
CA GLY A 60 7.35 -12.40 0.40
C GLY A 60 8.03 -13.85 0.75
C GLY A 60 7.80 -13.82 1.32
C GLY A 60 7.92 -13.77 0.69
N GLY A 61 8.86 -13.94 1.80
N GLY A 61 8.89 -13.78 2.08
N GLY A 61 9.18 -13.80 1.14
CA GLY A 61 9.54 -15.16 2.15
CA GLY A 61 9.34 -14.91 2.91
CA GLY A 61 9.80 -15.04 1.55
C GLY A 61 8.84 -15.99 3.21
C GLY A 61 8.26 -15.80 3.51
C GLY A 61 9.03 -15.66 2.69
N HIS A 62 7.56 -15.69 3.48
N HIS A 62 7.65 -15.36 4.60
N HIS A 62 8.24 -14.84 3.39
CA HIS A 62 6.78 -16.45 4.45
CA HIS A 62 6.63 -16.16 5.27
CA HIS A 62 7.38 -15.32 4.47
C HIS A 62 5.32 -16.49 4.02
C HIS A 62 5.36 -16.17 4.43
C HIS A 62 5.98 -15.64 3.96
N GLN A 63 4.91 -17.64 3.48
N GLN A 63 5.17 -17.22 3.67
N GLN A 63 5.82 -16.82 3.37
CA GLN A 63 3.57 -17.79 2.91
CA GLN A 63 4.05 -17.31 2.75
CA GLN A 63 4.50 -17.31 3.04
C GLN A 63 2.48 -17.51 3.93
C GLN A 63 2.74 -17.31 3.53
C GLN A 63 3.79 -17.61 4.36
N ALA A 64 2.53 -18.19 5.06
N ALA A 64 2.73 -17.91 4.72
N ALA A 64 2.48 -17.86 4.30
CA ALA A 64 1.45 -18.13 6.04
CA ALA A 64 1.50 -17.96 5.50
CA ALA A 64 1.59 -17.95 5.46
C ALA A 64 1.11 -16.69 6.43
C ALA A 64 1.15 -16.58 6.05
C ALA A 64 1.20 -16.56 5.97
N ALA A 65 2.16 -15.88 6.59
CA ALA A 65 1.94 -14.50 7.05
C ALA A 65 1.55 -13.64 5.88
N MET A 66 2.23 -13.82 4.75
CA MET A 66 1.93 -13.02 3.58
C MET A 66 0.53 -13.38 3.07
N GLN A 67 0.16 -14.65 3.20
CA GLN A 67 -1.19 -15.08 2.79
C GLN A 67 -2.27 -14.42 3.66
N MET A 68 -2.00 -14.34 4.95
CA MET A 68 -2.87 -13.63 5.88
C MET A 68 -3.01 -12.17 5.46
N LEU A 69 -1.89 -11.56 5.13
CA LEU A 69 -1.86 -10.15 4.80
C LEU A 69 -2.67 -9.92 3.53
N LYS A 70 -2.45 -10.77 2.54
CA LYS A 70 -3.18 -10.64 1.28
C LYS A 70 -4.68 -10.86 1.47
N GLU A 71 -5.05 -11.77 2.36
CA GLU A 71 -6.48 -11.99 2.62
C GLU A 71 -7.10 -10.72 3.24
N THR A 72 -6.38 -10.07 4.15
CA THR A 72 -6.89 -8.87 4.80
C THR A 72 -7.05 -7.76 3.75
N ILE A 73 -6.06 -7.64 2.88
CA ILE A 73 -6.11 -6.62 1.83
C ILE A 73 -7.33 -6.86 0.96
N ASN A 74 -7.55 -8.09 0.53
CA ASN A 74 -8.70 -8.38 -0.30
C ASN A 74 -10.01 -8.07 0.41
N GLU A 75 -10.05 -8.35 1.71
CA GLU A 75 -11.24 -8.06 2.51
C GLU A 75 -11.52 -6.56 2.54
N GLU A 76 -10.47 -5.77 2.73
CA GLU A 76 -10.62 -4.34 2.85
C GLU A 76 -10.99 -3.74 1.50
N ALA A 77 -10.43 -4.31 0.44
CA ALA A 77 -10.77 -3.84 -0.90
C ALA A 77 -12.24 -4.12 -1.23
N ALA A 78 -12.72 -5.30 -0.86
CA ALA A 78 -14.10 -5.62 -1.11
C ALA A 78 -14.98 -4.64 -0.38
N GLU A 79 -14.55 -4.30 0.83
CA GLU A 79 -15.33 -3.40 1.66
C GLU A 79 -15.35 -2.01 1.05
N TRP A 80 -14.22 -1.59 0.52
CA TRP A 80 -14.16 -0.30 -0.18
C TRP A 80 -15.20 -0.30 -1.29
N ASP A 81 -15.23 -1.37 -2.06
CA ASP A 81 -16.12 -1.43 -3.22
C ASP A 81 -17.59 -1.40 -2.85
N ARG A 82 -17.88 -1.96 -1.69
CA ARG A 82 -19.25 -1.98 -1.18
C ARG A 82 -19.72 -0.56 -0.79
N LEU A 83 -18.78 0.25 -0.30
CA LEU A 83 -19.04 1.62 0.10
C LEU A 83 -18.98 2.60 -1.07
N HIS A 84 -18.23 2.22 -2.10
CA HIS A 84 -17.97 3.06 -3.27
C HIS A 84 -18.10 2.27 -4.55
N PRO A 85 -19.30 1.78 -4.83
CA PRO A 85 -19.48 0.99 -6.06
C PRO A 85 -19.22 1.87 -7.28
N VAL A 86 -18.39 1.34 -8.16
N VAL A 86 -18.24 1.52 -8.10
CA VAL A 86 -17.88 2.05 -9.30
CA VAL A 86 -17.81 2.51 -9.10
C VAL A 86 -18.99 2.56 -10.25
C VAL A 86 -18.80 2.57 -10.26
N HIS A 87 -18.82 3.77 -10.79
CA HIS A 87 -19.65 4.19 -11.87
C HIS A 87 -19.00 3.85 -13.18
N ALA A 88 -19.82 3.81 -14.23
CA ALA A 88 -19.32 3.44 -15.56
C ALA A 88 -18.27 4.44 -16.07
N GLY A 89 -18.36 5.70 -15.69
CA GLY A 89 -17.37 6.66 -16.12
C GLY A 89 -17.29 7.79 -15.15
N PRO A 90 -16.31 8.68 -15.35
CA PRO A 90 -16.16 9.85 -14.48
C PRO A 90 -17.25 10.86 -14.73
N ILE A 91 -17.27 11.91 -13.91
CA ILE A 91 -18.35 12.88 -13.88
C ILE A 91 -18.43 13.61 -15.20
N ALA A 92 -17.26 13.89 -15.79
CA ALA A 92 -17.18 14.60 -17.05
C ALA A 92 -15.81 14.34 -17.67
N PRO A 93 -15.63 14.67 -18.96
CA PRO A 93 -14.30 14.58 -19.58
C PRO A 93 -13.25 15.40 -18.85
N GLY A 94 -12.08 14.81 -18.62
CA GLY A 94 -11.00 15.49 -17.93
C GLY A 94 -10.89 15.12 -16.47
N GLN A 95 -11.93 14.47 -15.94
CA GLN A 95 -11.95 14.15 -14.52
C GLN A 95 -11.34 12.80 -14.35
N MET A 96 -10.61 12.65 -13.27
CA MET A 96 -10.10 11.35 -12.92
C MET A 96 -11.25 10.49 -12.48
N ARG A 97 -11.07 9.18 -12.58
CA ARG A 97 -12.07 8.26 -12.08
C ARG A 97 -11.92 8.06 -10.56
N GLU A 98 -12.99 7.63 -9.90
N GLU A 98 -12.99 7.58 -9.95
CA GLU A 98 -12.89 7.31 -8.48
CA GLU A 98 -12.95 7.15 -8.55
C GLU A 98 -12.25 5.92 -8.35
C GLU A 98 -12.16 5.85 -8.43
N PRO A 99 -11.27 5.77 -7.44
CA PRO A 99 -10.59 4.47 -7.32
C PRO A 99 -11.48 3.33 -6.79
N ARG A 100 -11.31 2.14 -7.36
CA ARG A 100 -11.84 0.90 -6.78
C ARG A 100 -10.87 0.38 -5.75
N GLY A 101 -11.29 -0.67 -5.05
CA GLY A 101 -10.42 -1.29 -4.06
C GLY A 101 -9.11 -1.75 -4.68
N SER A 102 -9.17 -2.37 -5.87
CA SER A 102 -7.97 -2.86 -6.52
C SER A 102 -7.12 -1.73 -7.08
N ASP A 103 -7.72 -0.57 -7.30
CA ASP A 103 -6.93 0.63 -7.66
C ASP A 103 -6.11 1.12 -6.48
N ILE A 104 -6.73 1.13 -5.31
CA ILE A 104 -6.04 1.52 -4.08
C ILE A 104 -4.92 0.55 -3.75
N ALA A 105 -5.14 -0.76 -3.98
CA ALA A 105 -4.12 -1.78 -3.68
C ALA A 105 -3.09 -1.88 -4.81
N GLY A 106 -3.26 -1.05 -5.84
CA GLY A 106 -2.26 -0.95 -6.89
C GLY A 106 -2.20 -2.08 -7.89
N THR A 107 -3.26 -2.88 -7.99
CA THR A 107 -3.24 -4.01 -8.93
C THR A 107 -3.92 -3.71 -10.23
N THR A 108 -4.81 -2.71 -10.23
CA THR A 108 -5.51 -2.27 -11.44
C THR A 108 -5.36 -0.79 -11.76
N SER A 109 -4.48 -0.08 -11.03
CA SER A 109 -4.20 1.32 -11.32
C SER A 109 -2.76 1.47 -11.72
N THR A 110 -2.52 2.45 -12.58
CA THR A 110 -1.18 2.79 -13.01
C THR A 110 -0.54 3.77 -12.02
N LEU A 111 0.78 3.87 -12.05
CA LEU A 111 1.48 4.83 -11.22
C LEU A 111 1.00 6.23 -11.53
N GLN A 112 0.75 6.49 -12.80
CA GLN A 112 0.30 7.80 -13.20
C GLN A 112 -1.05 8.12 -12.56
N GLU A 113 -1.94 7.13 -12.51
CA GLU A 113 -3.22 7.32 -11.84
C GLU A 113 -3.02 7.56 -10.34
N GLN A 114 -2.12 6.78 -9.76
CA GLN A 114 -1.86 6.93 -8.31
C GLN A 114 -1.34 8.33 -8.00
N ILE A 115 -0.40 8.81 -8.81
CA ILE A 115 0.13 10.14 -8.65
C ILE A 115 -0.96 11.20 -8.80
N GLY A 116 -1.82 11.03 -9.81
CA GLY A 116 -2.94 11.94 -10.03
C GLY A 116 -3.84 12.02 -8.80
N TRP A 117 -4.19 10.88 -8.23
CA TRP A 117 -5.00 10.87 -7.01
C TRP A 117 -4.26 11.55 -5.86
N MET A 118 -3.02 11.15 -5.63
CA MET A 118 -2.29 11.60 -4.45
C MET A 118 -1.90 13.07 -4.53
N THR A 119 -1.85 13.65 -5.73
CA THR A 119 -1.44 15.05 -5.87
C THR A 119 -2.62 15.94 -6.21
N HIS A 120 -3.81 15.36 -6.15
CA HIS A 120 -5.05 16.11 -6.27
C HIS A 120 -5.15 17.16 -5.16
N ASN A 121 -5.95 18.20 -5.38
CA ASN A 121 -6.18 19.23 -4.36
C ASN A 121 -7.61 19.21 -3.82
N PRO A 122 -7.85 18.61 -2.65
CA PRO A 122 -6.95 17.95 -1.73
C PRO A 122 -6.66 16.51 -2.17
N PRO A 123 -5.60 15.92 -1.63
CA PRO A 123 -5.23 14.58 -2.06
C PRO A 123 -6.32 13.53 -1.88
N ILE A 124 -6.41 12.63 -2.86
CA ILE A 124 -7.22 11.44 -2.78
C ILE A 124 -6.21 10.39 -2.33
N PRO A 125 -6.19 10.08 -1.02
CA PRO A 125 -4.96 9.53 -0.44
C PRO A 125 -4.85 8.01 -0.56
N VAL A 126 -4.71 7.54 -1.79
CA VAL A 126 -4.79 6.09 -2.04
C VAL A 126 -3.61 5.36 -1.39
N GLY A 127 -2.43 5.97 -1.31
CA GLY A 127 -1.34 5.33 -0.58
C GLY A 127 -1.66 5.17 0.91
N GLU A 128 -2.24 6.19 1.52
CA GLU A 128 -2.54 6.12 2.95
C GLU A 128 -3.68 5.15 3.23
N ILE A 129 -4.66 5.08 2.33
CA ILE A 129 -5.75 4.13 2.50
C ILE A 129 -5.20 2.70 2.43
N TYR A 130 -4.38 2.42 1.42
CA TYR A 130 -3.75 1.11 1.30
C TYR A 130 -2.90 0.78 2.53
N LYS A 131 -2.13 1.77 3.00
CA LYS A 131 -1.31 1.57 4.19
C LYS A 131 -2.17 1.12 5.37
N ARG A 132 -3.35 1.72 5.52
CA ARG A 132 -4.25 1.34 6.60
C ARG A 132 -4.60 -0.13 6.49
N TRP A 133 -4.91 -0.59 5.27
CA TRP A 133 -5.25 -2.00 5.04
C TRP A 133 -4.08 -2.91 5.39
N ILE A 134 -2.89 -2.49 5.01
CA ILE A 134 -1.70 -3.29 5.26
C ILE A 134 -1.46 -3.35 6.77
N ILE A 135 -1.59 -2.22 7.45
CA ILE A 135 -1.40 -2.19 8.89
C ILE A 135 -2.44 -3.07 9.60
N LEU A 136 -3.69 -3.04 9.17
CA LEU A 136 -4.69 -3.94 9.75
C LEU A 136 -4.23 -5.39 9.58
N GLY A 137 -3.71 -5.71 8.41
CA GLY A 137 -3.14 -7.03 8.16
C GLY A 137 -1.95 -7.39 9.05
N LEU A 138 -1.01 -6.45 9.23
CA LEU A 138 0.16 -6.70 10.07
C LEU A 138 -0.26 -6.92 11.51
N ASN A 139 -1.23 -6.14 11.96
CA ASN A 139 -1.74 -6.29 13.31
C ASN A 139 -2.34 -7.68 13.53
N LYS A 140 -3.06 -8.18 12.54
CA LYS A 140 -3.61 -9.53 12.61
C LYS A 140 -2.52 -10.55 12.82
N ILE A 141 -1.42 -10.39 12.08
CA ILE A 141 -0.33 -11.35 12.09
C ILE A 141 0.39 -11.35 13.44
N VAL A 142 0.69 -10.17 13.98
CA VAL A 142 1.37 -10.11 15.28
C VAL A 142 0.48 -10.74 16.33
N ARG A 143 -0.84 -10.61 16.19
CA ARG A 143 -1.73 -11.31 17.10
C ARG A 143 -1.69 -12.81 16.81
N MET A 144 -1.58 -13.17 15.54
CA MET A 144 -1.47 -14.56 15.13
C MET A 144 -0.12 -15.14 15.54
N TYR A 145 0.85 -14.28 15.79
CA TYR A 145 2.23 -14.67 16.11
C TYR A 145 2.75 -15.77 15.17
#